data_5J8Y
#
_entry.id   5J8Y
#
_cell.length_a   49.956
_cell.length_b   53.970
_cell.length_c   61.455
_cell.angle_alpha   90.00
_cell.angle_beta   109.22
_cell.angle_gamma   90.00
#
_symmetry.space_group_name_H-M   'P 1 21 1'
#
loop_
_entity.id
_entity.type
_entity.pdbx_description
1 polymer 'Polycomb protein Scm'
2 polymer 'Polycomb protein Sfmbt'
3 water water
#
loop_
_entity_poly.entity_id
_entity_poly.type
_entity_poly.pdbx_seq_one_letter_code
_entity_poly.pdbx_strand_id
1 'polypeptide(L)' GPDSMPIDWTIEEVIQYIESNDNSLAVHGDLFRKHEIDGKALLLLNSEMMMKYMGLKEGPAEKICNLVNKVNGRRNNLAL A,B
2 'polypeptide(L)'
;GPDSMPDTWNVYDVSQFLRVNDCTAHCDTFSRNKIDGKRLLQLTKDDIMPLLGMKVGPALKISDLIAQLKCKVNPGRARS
HKTNKSPFL
;
C,D
#
# COMPACT_ATOMS: atom_id res chain seq x y z
N ASP A 3 12.74 -21.23 2.46
CA ASP A 3 14.05 -21.65 1.97
C ASP A 3 14.81 -20.48 1.35
N SER A 4 14.19 -19.32 1.39
CA SER A 4 14.72 -18.14 0.79
C SER A 4 13.94 -16.84 1.10
N MET A 5 14.57 -15.72 0.80
CA MET A 5 13.95 -14.46 1.01
C MET A 5 12.74 -14.42 0.10
N PRO A 6 11.59 -13.98 0.62
CA PRO A 6 10.39 -13.84 -0.20
C PRO A 6 10.62 -13.03 -1.47
N ILE A 7 11.51 -12.05 -1.40
CA ILE A 7 11.75 -11.17 -2.55
C ILE A 7 12.51 -11.92 -3.66
N ASP A 8 13.17 -13.02 -3.31
CA ASP A 8 13.92 -13.80 -4.28
C ASP A 8 13.10 -14.95 -4.88
N TRP A 9 11.82 -15.00 -4.54
CA TRP A 9 10.95 -16.09 -4.99
C TRP A 9 10.63 -15.99 -6.48
N THR A 10 10.62 -17.14 -7.15
CA THR A 10 10.12 -17.22 -8.51
C THR A 10 8.60 -17.25 -8.48
N ILE A 11 7.97 -17.15 -9.62
CA ILE A 11 6.53 -17.26 -9.68
C ILE A 11 6.05 -18.58 -9.06
N GLU A 12 6.67 -19.68 -9.46
CA GLU A 12 6.24 -20.98 -8.96
C GLU A 12 6.38 -21.05 -7.44
N GLU A 13 7.43 -20.43 -6.92
CA GLU A 13 7.69 -20.48 -5.48
C GLU A 13 6.67 -19.64 -4.71
N VAL A 14 6.22 -18.56 -5.32
CA VAL A 14 5.12 -17.77 -4.76
C VAL A 14 3.86 -18.63 -4.68
N ILE A 15 3.51 -19.31 -5.76
CA ILE A 15 2.37 -20.19 -5.82
C ILE A 15 2.43 -21.28 -4.77
N GLN A 16 3.60 -21.86 -4.61
CA GLN A 16 3.87 -22.90 -3.65
C GLN A 16 3.58 -22.37 -2.25
N TYR A 17 3.98 -21.15 -1.98
CA TYR A 17 3.75 -20.54 -0.67
C TYR A 17 2.25 -20.45 -0.42
N ILE A 18 1.54 -19.81 -1.33
CA ILE A 18 0.13 -19.58 -1.17
C ILE A 18 -0.66 -20.91 -1.07
N GLU A 19 -0.34 -21.88 -1.91
CA GLU A 19 -1.03 -23.17 -1.87
C GLU A 19 -0.83 -23.96 -0.58
N SER A 20 0.39 -24.02 -0.10
CA SER A 20 0.73 -24.80 1.12
C SER A 20 0.25 -24.18 2.43
N ASN A 21 -0.09 -22.90 2.39
CA ASN A 21 -0.65 -22.26 3.55
C ASN A 21 -2.18 -22.17 3.50
N ASP A 22 -2.74 -22.09 2.31
CA ASP A 22 -4.17 -22.15 2.08
C ASP A 22 -4.50 -22.91 0.79
N ASN A 23 -5.02 -24.13 0.95
CA ASN A 23 -5.36 -24.99 -0.17
C ASN A 23 -6.47 -24.43 -1.00
N SER A 24 -7.27 -23.55 -0.40
CA SER A 24 -8.38 -22.91 -1.09
C SER A 24 -7.92 -21.93 -2.19
N LEU A 25 -6.67 -21.50 -2.14
CA LEU A 25 -6.12 -20.58 -3.12
C LEU A 25 -5.39 -21.25 -4.28
N ALA A 26 -5.29 -22.58 -4.29
CA ALA A 26 -4.58 -23.27 -5.37
C ALA A 26 -5.20 -22.97 -6.73
N VAL A 27 -6.47 -22.67 -6.71
CA VAL A 27 -7.19 -22.35 -7.94
C VAL A 27 -6.56 -21.18 -8.67
N HIS A 28 -5.93 -20.28 -7.91
CA HIS A 28 -5.43 -19.02 -8.45
C HIS A 28 -3.99 -19.13 -8.96
N GLY A 29 -3.51 -20.35 -9.16
CA GLY A 29 -2.19 -20.57 -9.70
C GLY A 29 -1.97 -19.87 -11.03
N ASP A 30 -2.73 -20.25 -12.04
CA ASP A 30 -2.57 -19.69 -13.39
C ASP A 30 -2.75 -18.18 -13.42
N LEU A 31 -3.49 -17.65 -12.48
CA LEU A 31 -3.73 -16.22 -12.40
C LEU A 31 -2.40 -15.51 -12.06
N PHE A 32 -1.66 -16.08 -11.12
CA PHE A 32 -0.38 -15.56 -10.70
C PHE A 32 0.65 -15.66 -11.80
N ARG A 33 0.53 -16.70 -12.63
CA ARG A 33 1.43 -16.90 -13.74
C ARG A 33 1.18 -15.85 -14.81
N LYS A 34 -0.08 -15.62 -15.14
CA LYS A 34 -0.43 -14.63 -16.15
C LYS A 34 0.12 -13.25 -15.78
N HIS A 35 -0.07 -12.87 -14.53
CA HIS A 35 0.34 -11.56 -14.03
C HIS A 35 1.81 -11.51 -13.65
N GLU A 36 2.45 -12.65 -13.80
CA GLU A 36 3.88 -12.76 -13.54
C GLU A 36 4.22 -12.27 -12.14
N ILE A 37 3.51 -12.80 -11.15
CA ILE A 37 3.73 -12.42 -9.77
C ILE A 37 4.80 -13.31 -9.15
N ASP A 38 6.05 -12.85 -9.23
CA ASP A 38 7.15 -13.47 -8.52
C ASP A 38 7.24 -12.85 -7.12
N GLY A 39 8.35 -13.11 -6.43
CA GLY A 39 8.54 -12.62 -5.07
C GLY A 39 8.49 -11.11 -4.95
N LYS A 40 9.25 -10.43 -5.79
CA LYS A 40 9.28 -8.96 -5.80
C LYS A 40 7.89 -8.39 -6.07
N ALA A 41 7.20 -8.96 -7.04
CA ALA A 41 5.86 -8.52 -7.39
C ALA A 41 4.89 -8.74 -6.23
N LEU A 42 5.01 -9.89 -5.57
CA LEU A 42 4.12 -10.25 -4.46
C LEU A 42 4.19 -9.20 -3.35
N LEU A 43 5.41 -8.85 -2.94
CA LEU A 43 5.63 -7.88 -1.88
C LEU A 43 5.15 -6.48 -2.25
N LEU A 44 5.01 -6.23 -3.55
CA LEU A 44 4.57 -4.92 -4.05
C LEU A 44 3.05 -4.85 -4.19
N LEU A 45 2.37 -5.98 -4.04
CA LEU A 45 0.92 -6.01 -4.20
C LEU A 45 0.20 -5.17 -3.15
N ASN A 46 -1.05 -4.87 -3.45
CA ASN A 46 -2.01 -4.25 -2.58
C ASN A 46 -3.37 -4.78 -2.92
N SER A 47 -4.29 -4.72 -2.00
CA SER A 47 -5.65 -5.20 -2.19
C SER A 47 -6.31 -4.58 -3.37
N GLU A 48 -6.04 -3.32 -3.62
CA GLU A 48 -6.59 -2.63 -4.76
C GLU A 48 -6.21 -3.28 -6.09
N MET A 49 -4.94 -3.49 -6.34
CA MET A 49 -4.45 -4.09 -7.58
C MET A 49 -4.98 -5.51 -7.74
N MET A 50 -5.13 -6.22 -6.61
CA MET A 50 -5.65 -7.59 -6.62
C MET A 50 -7.08 -7.65 -7.13
N MET A 51 -7.95 -6.83 -6.56
CA MET A 51 -9.36 -6.91 -6.87
C MET A 51 -9.72 -6.16 -8.14
N LYS A 52 -8.99 -5.09 -8.44
CA LYS A 52 -9.26 -4.32 -9.64
C LYS A 52 -8.75 -5.01 -10.90
N TYR A 53 -7.48 -5.44 -10.86
CA TYR A 53 -6.77 -5.89 -12.04
C TYR A 53 -6.47 -7.39 -12.15
N MET A 54 -6.59 -8.12 -11.04
CA MET A 54 -6.40 -9.57 -11.08
C MET A 54 -7.75 -10.28 -10.97
N GLY A 55 -8.79 -9.53 -10.63
CA GLY A 55 -10.15 -10.05 -10.63
C GLY A 55 -10.47 -10.95 -9.46
N LEU A 56 -9.64 -10.92 -8.43
CA LEU A 56 -9.83 -11.75 -7.25
C LEU A 56 -11.00 -11.23 -6.42
N LYS A 57 -11.80 -12.12 -5.86
CA LYS A 57 -12.91 -11.75 -4.99
C LYS A 57 -12.42 -11.31 -3.62
N GLU A 58 -13.31 -10.82 -2.80
CA GLU A 58 -12.96 -10.38 -1.48
C GLU A 58 -12.31 -11.45 -0.67
N GLY A 59 -12.88 -12.64 -0.65
CA GLY A 59 -12.35 -13.69 0.15
C GLY A 59 -10.94 -14.00 -0.11
N PRO A 60 -10.66 -14.42 -1.33
CA PRO A 60 -9.31 -14.80 -1.74
C PRO A 60 -8.34 -13.64 -1.51
N ALA A 61 -8.74 -12.46 -1.94
CA ALA A 61 -7.90 -11.26 -1.82
C ALA A 61 -7.46 -11.05 -0.38
N GLU A 62 -8.36 -11.31 0.55
CA GLU A 62 -8.09 -11.11 1.94
C GLU A 62 -7.14 -12.13 2.42
N LYS A 63 -7.38 -13.36 2.03
CA LYS A 63 -6.48 -14.46 2.36
C LYS A 63 -5.06 -14.20 1.82
N ILE A 64 -4.97 -13.70 0.59
CA ILE A 64 -3.67 -13.40 -0.01
C ILE A 64 -3.00 -12.23 0.70
N CYS A 65 -3.77 -11.21 1.05
CA CYS A 65 -3.24 -10.09 1.83
C CYS A 65 -2.59 -10.60 3.12
N ASN A 66 -3.28 -11.53 3.76
CA ASN A 66 -2.79 -12.11 4.99
C ASN A 66 -1.49 -12.85 4.80
N LEU A 67 -1.42 -13.66 3.78
CA LEU A 67 -0.23 -14.44 3.47
C LEU A 67 0.98 -13.53 3.20
N VAL A 68 0.76 -12.48 2.44
CA VAL A 68 1.83 -11.54 2.14
C VAL A 68 2.31 -10.87 3.43
N ASN A 69 1.36 -10.53 4.29
CA ASN A 69 1.66 -9.92 5.55
C ASN A 69 2.54 -10.77 6.43
N LYS A 70 2.44 -12.08 6.36
CA LYS A 70 3.31 -12.94 7.12
C LYS A 70 4.79 -12.88 6.75
N VAL A 71 5.11 -12.48 5.53
CA VAL A 71 6.47 -12.58 5.01
C VAL A 71 7.04 -11.26 4.46
N ASN A 72 6.25 -10.19 4.48
CA ASN A 72 6.69 -8.92 3.90
C ASN A 72 7.41 -8.02 4.91
N GLY A 73 7.78 -8.58 6.05
CA GLY A 73 8.59 -7.88 7.02
C GLY A 73 7.93 -6.64 7.61
N ARG A 74 8.59 -5.49 7.47
CA ARG A 74 8.09 -4.23 8.02
C ARG A 74 7.40 -3.37 6.97
N ARG A 75 7.28 -3.87 5.75
CA ARG A 75 6.42 -3.23 4.76
C ARG A 75 5.00 -3.12 5.38
N ASN A 76 4.23 -2.15 4.95
CA ASN A 76 2.88 -1.97 5.43
C ASN A 76 2.00 -3.20 5.20
N ASN A 77 1.25 -3.58 6.21
CA ASN A 77 0.29 -4.67 6.09
C ASN A 77 -0.73 -4.40 5.00
N LEU A 78 -0.92 -5.36 4.12
CA LEU A 78 -1.97 -5.28 3.11
C LEU A 78 -3.33 -5.49 3.78
N ALA A 79 -4.28 -4.71 3.37
CA ALA A 79 -5.59 -4.80 3.91
C ALA A 79 -6.65 -4.21 3.01
N LEU A 80 -7.84 -4.74 3.16
CA LEU A 80 -9.00 -4.30 2.44
C LEU A 80 -9.62 -3.07 3.06
N ASP B 3 16.72 14.50 14.45
CA ASP B 3 15.93 14.74 15.66
C ASP B 3 15.10 13.54 16.09
N SER B 4 14.43 12.91 15.13
CA SER B 4 13.59 11.75 15.39
C SER B 4 13.43 10.91 14.14
N MET B 5 13.24 9.62 14.35
CA MET B 5 12.80 8.72 13.32
C MET B 5 11.42 9.20 12.83
N PRO B 6 11.25 9.11 11.44
CA PRO B 6 9.91 9.51 10.97
C PRO B 6 8.72 8.87 11.69
N ILE B 7 8.85 7.60 12.08
CA ILE B 7 7.77 6.89 12.72
C ILE B 7 7.37 7.48 14.08
N ASP B 8 8.26 8.25 14.68
CA ASP B 8 8.04 8.87 15.98
C ASP B 8 7.50 10.31 15.87
N TRP B 9 7.32 10.76 14.65
CA TRP B 9 6.91 12.15 14.39
C TRP B 9 5.51 12.50 14.92
N THR B 10 5.40 13.68 15.50
CA THR B 10 4.13 14.25 15.88
C THR B 10 3.40 14.80 14.64
N ILE B 11 2.13 15.11 14.74
CA ILE B 11 1.40 15.74 13.65
C ILE B 11 2.16 16.99 13.16
N GLU B 12 2.52 17.85 14.10
CA GLU B 12 3.19 19.09 13.76
C GLU B 12 4.53 18.81 13.08
N GLU B 13 5.23 17.79 13.54
CA GLU B 13 6.52 17.43 12.97
C GLU B 13 6.35 16.88 11.54
N VAL B 14 5.22 16.24 11.30
CA VAL B 14 4.92 15.77 9.97
C VAL B 14 4.69 16.98 9.06
N ILE B 15 3.84 17.90 9.51
CA ILE B 15 3.52 19.12 8.78
C ILE B 15 4.77 19.93 8.48
N GLN B 16 5.66 19.97 9.43
CA GLN B 16 6.91 20.70 9.32
C GLN B 16 7.76 20.07 8.20
N TYR B 17 7.77 18.76 8.16
CA TYR B 17 8.54 18.06 7.12
C TYR B 17 8.00 18.35 5.73
N ILE B 18 6.68 18.27 5.58
CA ILE B 18 6.02 18.44 4.30
C ILE B 18 6.17 19.87 3.78
N GLU B 19 5.90 20.84 4.65
CA GLU B 19 5.89 22.22 4.24
C GLU B 19 7.28 22.77 4.05
N SER B 20 8.25 22.25 4.77
CA SER B 20 9.63 22.61 4.54
C SER B 20 10.18 22.11 3.19
N ASN B 21 9.67 20.99 2.70
CA ASN B 21 10.19 20.39 1.50
C ASN B 21 9.39 20.73 0.24
N ASP B 22 8.11 20.98 0.38
CA ASP B 22 7.29 21.51 -0.67
C ASP B 22 6.39 22.56 -0.06
N ASN B 23 6.73 23.80 -0.32
CA ASN B 23 5.97 24.96 0.12
C ASN B 23 4.56 25.01 -0.47
N SER B 24 4.36 24.31 -1.57
CA SER B 24 3.06 24.18 -2.21
C SER B 24 2.04 23.49 -1.34
N LEU B 25 2.51 22.70 -0.41
CA LEU B 25 1.70 21.83 0.39
C LEU B 25 1.23 22.41 1.72
N ALA B 26 1.73 23.57 2.08
CA ALA B 26 1.44 24.16 3.38
C ALA B 26 -0.02 24.38 3.57
N VAL B 27 -0.73 24.54 2.49
CA VAL B 27 -2.15 24.74 2.52
C VAL B 27 -2.83 23.53 3.15
N HIS B 28 -2.21 22.38 3.03
CA HIS B 28 -2.77 21.14 3.53
C HIS B 28 -2.54 20.86 5.04
N GLY B 29 -1.95 21.80 5.70
CA GLY B 29 -1.71 21.72 7.12
C GLY B 29 -2.88 21.18 7.93
N ASP B 30 -3.97 21.95 7.94
CA ASP B 30 -5.16 21.63 8.71
C ASP B 30 -5.79 20.29 8.31
N LEU B 31 -5.59 19.89 7.06
CA LEU B 31 -6.08 18.60 6.59
C LEU B 31 -5.39 17.47 7.35
N PHE B 32 -4.07 17.58 7.47
CA PHE B 32 -3.27 16.59 8.18
C PHE B 32 -3.57 16.57 9.68
N ARG B 33 -3.92 17.72 10.24
CA ARG B 33 -4.28 17.82 11.63
C ARG B 33 -5.63 17.16 11.85
N LYS B 34 -6.57 17.45 10.98
CA LYS B 34 -7.92 16.92 11.06
C LYS B 34 -7.91 15.39 11.01
N HIS B 35 -7.12 14.84 10.09
CA HIS B 35 -7.02 13.39 9.94
C HIS B 35 -5.99 12.80 10.88
N GLU B 36 -5.32 13.64 11.66
CA GLU B 36 -4.40 13.19 12.66
C GLU B 36 -3.28 12.34 12.06
N ILE B 37 -2.62 12.90 11.06
CA ILE B 37 -1.53 12.26 10.40
C ILE B 37 -0.22 12.59 11.12
N ASP B 38 0.07 11.79 12.13
CA ASP B 38 1.36 11.78 12.78
C ASP B 38 2.34 10.91 11.99
N GLY B 39 3.52 10.66 12.54
CA GLY B 39 4.51 9.90 11.85
C GLY B 39 4.07 8.47 11.52
N LYS B 40 3.43 7.81 12.47
CA LYS B 40 2.95 6.45 12.24
C LYS B 40 1.92 6.43 11.09
N ALA B 41 0.99 7.35 11.12
CA ALA B 41 -0.03 7.43 10.09
C ALA B 41 0.56 7.75 8.71
N LEU B 42 1.53 8.63 8.73
CA LEU B 42 2.14 9.13 7.51
C LEU B 42 2.70 7.95 6.69
N LEU B 43 3.48 7.12 7.37
CA LEU B 43 4.06 5.92 6.78
C LEU B 43 3.05 4.85 6.32
N LEU B 44 1.86 4.86 6.89
CA LEU B 44 0.78 3.93 6.54
C LEU B 44 -0.07 4.46 5.36
N LEU B 45 0.17 5.69 4.97
CA LEU B 45 -0.55 6.28 3.86
C LEU B 45 -0.33 5.55 2.53
N ASN B 46 -1.37 5.54 1.73
CA ASN B 46 -1.25 5.26 0.32
C ASN B 46 -2.02 6.29 -0.54
N SER B 47 -1.72 6.32 -1.83
CA SER B 47 -2.39 7.22 -2.78
C SER B 47 -3.92 7.12 -2.71
N GLU B 48 -4.43 5.92 -2.57
CA GLU B 48 -5.86 5.68 -2.53
C GLU B 48 -6.58 6.34 -1.37
N MET B 49 -6.04 6.16 -0.19
CA MET B 49 -6.61 6.76 1.02
C MET B 49 -6.54 8.28 0.97
N MET B 50 -5.45 8.79 0.42
CA MET B 50 -5.28 10.22 0.26
C MET B 50 -6.41 10.81 -0.58
N MET B 51 -6.58 10.26 -1.77
CA MET B 51 -7.51 10.82 -2.74
C MET B 51 -8.96 10.53 -2.40
N LYS B 52 -9.21 9.36 -1.80
CA LYS B 52 -10.58 8.93 -1.54
C LYS B 52 -11.15 9.51 -0.26
N TYR B 53 -10.29 9.73 0.74
CA TYR B 53 -10.75 10.08 2.08
C TYR B 53 -10.12 11.34 2.67
N MET B 54 -9.14 11.93 1.98
CA MET B 54 -8.59 13.22 2.39
C MET B 54 -8.89 14.30 1.34
N GLY B 55 -9.56 13.91 0.26
CA GLY B 55 -9.98 14.85 -0.75
C GLY B 55 -8.84 15.53 -1.48
N LEU B 56 -7.67 14.90 -1.45
CA LEU B 56 -6.50 15.41 -2.17
C LEU B 56 -6.58 15.04 -3.64
N LYS B 57 -6.25 16.00 -4.51
CA LYS B 57 -6.24 15.74 -5.95
C LYS B 57 -4.91 15.13 -6.37
N GLU B 58 -4.80 14.73 -7.64
CA GLU B 58 -3.63 14.01 -8.12
C GLU B 58 -2.32 14.75 -7.87
N GLY B 59 -2.34 16.07 -8.08
CA GLY B 59 -1.14 16.87 -7.95
C GLY B 59 -0.51 16.80 -6.57
N PRO B 60 -1.23 17.29 -5.56
CA PRO B 60 -0.78 17.21 -4.16
C PRO B 60 -0.52 15.78 -3.70
N ALA B 61 -1.35 14.86 -4.10
CA ALA B 61 -1.18 13.47 -3.71
C ALA B 61 0.17 12.93 -4.12
N GLU B 62 0.52 13.18 -5.38
CA GLU B 62 1.75 12.65 -5.93
C GLU B 62 2.88 13.24 -5.17
N LYS B 63 2.80 14.52 -4.93
CA LYS B 63 3.85 15.19 -4.22
C LYS B 63 4.05 14.64 -2.82
N ILE B 64 2.96 14.38 -2.11
CA ILE B 64 3.04 13.81 -0.79
C ILE B 64 3.62 12.40 -0.86
N CYS B 65 3.14 11.61 -1.80
CA CYS B 65 3.68 10.29 -2.04
C CYS B 65 5.21 10.32 -2.12
N ASN B 66 5.72 11.30 -2.86
CA ASN B 66 7.16 11.42 -3.05
C ASN B 66 7.90 11.79 -1.78
N LEU B 67 7.36 12.72 -1.02
CA LEU B 67 7.97 13.11 0.24
C LEU B 67 7.97 11.93 1.23
N VAL B 68 6.90 11.18 1.24
CA VAL B 68 6.81 9.99 2.12
C VAL B 68 7.86 8.95 1.70
N ASN B 69 7.98 8.73 0.39
CA ASN B 69 8.97 7.81 -0.15
C ASN B 69 10.40 8.13 0.31
N LYS B 70 10.69 9.40 0.52
CA LYS B 70 11.98 9.82 1.00
C LYS B 70 12.35 9.36 2.41
N VAL B 71 11.36 9.16 3.24
CA VAL B 71 11.59 8.91 4.66
C VAL B 71 10.97 7.61 5.19
N ASN B 72 10.32 6.83 4.33
CA ASN B 72 9.62 5.63 4.75
C ASN B 72 10.48 4.35 4.64
N GLY B 73 11.77 4.56 4.45
CA GLY B 73 12.73 3.48 4.45
C GLY B 73 12.54 2.42 3.39
N ARG B 74 12.45 1.17 3.83
CA ARG B 74 12.33 0.02 2.95
C ARG B 74 10.86 -0.41 2.70
N ARG B 75 9.94 0.41 3.18
CA ARG B 75 8.53 0.20 2.89
C ARG B 75 8.30 0.43 1.38
N ASN B 76 7.19 -0.07 0.87
CA ASN B 76 6.83 0.12 -0.50
C ASN B 76 6.65 1.59 -0.90
N ASN B 77 7.25 1.99 -2.03
CA ASN B 77 7.04 3.33 -2.56
C ASN B 77 5.57 3.59 -2.85
N LEU B 78 5.05 4.71 -2.36
CA LEU B 78 3.71 5.14 -2.73
C LEU B 78 3.73 5.66 -4.17
N ALA B 79 2.63 5.47 -4.87
CA ALA B 79 2.43 5.98 -6.23
C ALA B 79 0.93 5.90 -6.64
N LEU B 80 0.51 6.79 -7.49
CA LEU B 80 -0.85 6.81 -8.01
C LEU B 80 -1.19 5.64 -8.94
N MET C 5 18.19 14.66 -15.63
CA MET C 5 16.96 15.08 -15.02
C MET C 5 15.83 14.50 -15.83
N PRO C 6 15.08 13.58 -15.25
CA PRO C 6 14.04 12.93 -16.01
C PRO C 6 13.13 13.78 -16.81
N ASP C 7 12.83 14.98 -16.35
CA ASP C 7 11.95 15.83 -17.13
C ASP C 7 12.61 16.23 -18.45
N THR C 8 13.92 16.14 -18.56
CA THR C 8 14.58 16.41 -19.83
C THR C 8 14.60 15.19 -20.78
N TRP C 9 14.44 14.00 -20.22
CA TRP C 9 14.58 12.77 -21.00
C TRP C 9 13.64 12.66 -22.22
N ASN C 10 14.17 12.19 -23.35
CA ASN C 10 13.35 11.80 -24.50
C ASN C 10 13.00 10.29 -24.46
N VAL C 11 12.41 9.79 -25.55
CA VAL C 11 11.98 8.41 -25.65
C VAL C 11 13.16 7.47 -25.49
N TYR C 12 14.27 7.83 -26.12
CA TYR C 12 15.50 7.06 -25.99
C TYR C 12 16.04 7.08 -24.56
N ASP C 13 15.90 8.20 -23.89
CA ASP C 13 16.35 8.29 -22.50
C ASP C 13 15.55 7.25 -21.64
N VAL C 14 14.26 7.15 -21.86
CA VAL C 14 13.39 6.23 -21.11
C VAL C 14 13.78 4.77 -21.39
N SER C 15 14.14 4.48 -22.63
CA SER C 15 14.51 3.12 -23.00
C SER C 15 15.76 2.65 -22.25
N GLN C 16 16.72 3.51 -22.16
CA GLN C 16 17.93 3.18 -21.51
C GLN C 16 17.70 3.05 -20.04
N PHE C 17 16.81 3.85 -19.50
CA PHE C 17 16.54 3.78 -18.08
C PHE C 17 15.96 2.42 -17.77
N LEU C 18 14.99 2.05 -18.56
CA LEU C 18 14.38 0.73 -18.45
C LEU C 18 15.41 -0.38 -18.66
N ARG C 19 16.40 -0.15 -19.51
CA ARG C 19 17.41 -1.16 -19.78
C ARG C 19 18.29 -1.48 -18.58
N VAL C 20 18.84 -0.45 -17.96
CA VAL C 20 19.83 -0.66 -16.92
C VAL C 20 19.19 -1.10 -15.61
N ASN C 21 17.86 -1.02 -15.55
CA ASN C 21 17.11 -1.45 -14.38
C ASN C 21 16.40 -2.78 -14.62
N ASP C 22 16.95 -3.56 -15.55
CA ASP C 22 16.45 -4.91 -15.85
C ASP C 22 14.99 -4.92 -16.29
N CYS C 23 14.61 -3.91 -17.08
CA CYS C 23 13.27 -3.87 -17.66
C CYS C 23 13.36 -3.75 -19.19
N THR C 24 14.43 -4.29 -19.72
CA THR C 24 14.66 -4.32 -21.14
C THR C 24 13.46 -4.76 -21.91
N ALA C 25 12.68 -5.66 -21.38
CA ALA C 25 11.55 -6.23 -22.10
C ALA C 25 10.46 -5.25 -22.47
N HIS C 26 10.37 -4.13 -21.77
CA HIS C 26 9.31 -3.18 -21.97
C HIS C 26 9.68 -1.93 -22.80
N CYS C 27 10.93 -1.83 -23.18
CA CYS C 27 11.38 -0.68 -23.92
C CYS C 27 10.60 -0.43 -25.19
N ASP C 28 10.37 -1.46 -25.97
CA ASP C 28 9.75 -1.28 -27.27
C ASP C 28 8.30 -0.77 -27.16
N THR C 29 7.55 -1.27 -26.19
CA THR C 29 6.18 -0.76 -25.96
C THR C 29 6.21 0.71 -25.54
N PHE C 30 7.18 1.01 -24.71
CA PHE C 30 7.35 2.34 -24.22
C PHE C 30 7.69 3.32 -25.38
N SER C 31 8.55 2.87 -26.28
CA SER C 31 8.94 3.62 -27.49
C SER C 31 7.83 3.81 -28.45
N ARG C 32 7.12 2.74 -28.68
CA ARG C 32 6.03 2.80 -29.62
C ARG C 32 5.01 3.77 -29.15
N ASN C 33 4.76 3.82 -27.86
CA ASN C 33 3.85 4.79 -27.32
C ASN C 33 4.45 6.14 -26.99
N LYS C 34 5.67 6.32 -27.39
CA LYS C 34 6.32 7.57 -27.20
C LYS C 34 6.20 8.06 -25.79
N ILE C 35 6.81 7.29 -24.91
CA ILE C 35 6.92 7.62 -23.52
C ILE C 35 8.32 8.19 -23.30
N ASP C 36 8.37 9.51 -23.24
CA ASP C 36 9.56 10.26 -22.88
C ASP C 36 9.54 10.58 -21.39
N GLY C 37 10.58 11.24 -20.90
CA GLY C 37 10.67 11.61 -19.51
C GLY C 37 9.41 12.21 -18.94
N LYS C 38 8.93 13.28 -19.57
CA LYS C 38 7.78 14.02 -19.09
C LYS C 38 6.58 13.11 -18.88
N ARG C 39 6.25 12.32 -19.89
CA ARG C 39 5.15 11.42 -19.78
C ARG C 39 5.43 10.32 -18.77
N LEU C 40 6.67 9.92 -18.67
CA LEU C 40 7.05 8.92 -17.72
C LEU C 40 6.57 9.28 -16.32
N LEU C 41 7.05 10.40 -15.86
CA LEU C 41 6.76 10.91 -14.54
C LEU C 41 5.32 11.25 -14.31
N GLN C 42 4.50 11.19 -15.33
CA GLN C 42 3.09 11.49 -15.24
C GLN C 42 2.31 10.23 -15.07
N LEU C 43 2.86 9.14 -15.53
CA LEU C 43 2.20 7.87 -15.50
C LEU C 43 1.59 7.40 -14.15
N THR C 44 0.34 6.99 -14.15
CA THR C 44 -0.26 6.31 -13.01
C THR C 44 -0.20 4.81 -13.28
N LYS C 45 -0.62 4.01 -12.31
CA LYS C 45 -0.69 2.57 -12.51
C LYS C 45 -1.75 2.24 -13.55
N ASP C 46 -2.89 2.94 -13.48
CA ASP C 46 -3.97 2.76 -14.44
C ASP C 46 -3.46 2.92 -15.87
N ASP C 47 -2.48 3.81 -16.05
CA ASP C 47 -1.86 4.04 -17.35
C ASP C 47 -0.85 2.93 -17.68
N ILE C 48 -0.11 2.51 -16.66
CA ILE C 48 0.95 1.53 -16.82
C ILE C 48 0.41 0.14 -17.14
N MET C 49 -0.81 -0.11 -16.72
CA MET C 49 -1.41 -1.44 -16.86
C MET C 49 -1.52 -1.87 -18.33
N PRO C 50 -2.18 -1.08 -19.18
CA PRO C 50 -2.26 -1.45 -20.59
C PRO C 50 -0.92 -1.36 -21.33
N LEU C 51 0.03 -0.57 -20.86
CA LEU C 51 1.33 -0.48 -21.48
C LEU C 51 2.12 -1.73 -21.25
N LEU C 52 1.68 -2.58 -20.35
CA LEU C 52 2.37 -3.83 -20.05
C LEU C 52 1.44 -5.03 -20.18
N GLY C 53 0.45 -4.92 -21.06
CA GLY C 53 -0.43 -6.04 -21.38
C GLY C 53 -1.33 -6.44 -20.23
N MET C 54 -1.72 -5.47 -19.42
CA MET C 54 -2.62 -5.70 -18.30
C MET C 54 -2.04 -6.72 -17.31
N LYS C 55 -0.73 -6.72 -17.16
CA LYS C 55 -0.05 -7.60 -16.20
C LYS C 55 0.34 -6.83 -14.95
N VAL C 56 -0.18 -7.26 -13.80
CA VAL C 56 0.02 -6.58 -12.54
C VAL C 56 1.48 -6.60 -12.06
N GLY C 57 2.11 -7.75 -12.14
CA GLY C 57 3.48 -7.90 -11.66
C GLY C 57 4.43 -6.89 -12.26
N PRO C 58 4.57 -6.90 -13.59
CA PRO C 58 5.38 -5.92 -14.32
C PRO C 58 4.93 -4.48 -14.06
N ALA C 59 3.62 -4.26 -14.04
CA ALA C 59 3.05 -2.94 -13.78
C ALA C 59 3.51 -2.38 -12.44
N LEU C 60 3.48 -3.20 -11.43
CA LEU C 60 3.89 -2.78 -10.12
C LEU C 60 5.39 -2.52 -10.05
N LYS C 61 6.13 -3.33 -10.73
CA LYS C 61 7.56 -3.22 -10.76
C LYS C 61 7.99 -1.92 -11.42
N ILE C 62 7.34 -1.57 -12.52
CA ILE C 62 7.60 -0.33 -13.24
C ILE C 62 7.15 0.87 -12.42
N SER C 63 5.98 0.78 -11.80
CA SER C 63 5.50 1.85 -10.93
C SER C 63 6.50 2.12 -9.82
N ASP C 64 7.02 1.04 -9.22
CA ASP C 64 7.99 1.15 -8.13
C ASP C 64 9.28 1.81 -8.62
N LEU C 65 9.74 1.39 -9.79
CA LEU C 65 10.97 1.92 -10.37
C LEU C 65 10.85 3.43 -10.62
N ILE C 66 9.73 3.87 -11.14
CA ILE C 66 9.49 5.29 -11.41
C ILE C 66 9.47 6.08 -10.06
N ALA C 67 8.76 5.52 -9.08
CA ALA C 67 8.67 6.11 -7.77
C ALA C 67 10.07 6.28 -7.21
N GLN C 68 10.91 5.27 -7.38
CA GLN C 68 12.28 5.33 -6.89
C GLN C 68 13.06 6.38 -7.66
N LEU C 69 12.71 6.53 -8.92
CA LEU C 69 13.36 7.48 -9.75
C LEU C 69 13.10 8.83 -9.18
N LYS C 70 11.85 9.09 -8.92
CA LYS C 70 11.39 10.35 -8.38
C LYS C 70 11.99 10.72 -7.04
N CYS C 71 12.46 9.74 -6.30
CA CYS C 71 13.12 9.98 -5.04
C CYS C 71 14.39 10.79 -5.11
N LYS C 72 15.45 10.27 -5.72
CA LYS C 72 16.67 11.04 -5.81
C LYS C 72 16.53 11.90 -7.03
N VAL C 73 16.28 13.17 -6.83
CA VAL C 73 15.88 14.05 -7.90
C VAL C 73 15.60 15.47 -7.39
N MET D 5 -9.26 -18.08 17.62
CA MET D 5 -9.46 -17.45 18.90
C MET D 5 -10.09 -16.07 18.71
N PRO D 6 -9.39 -15.14 17.92
CA PRO D 6 -10.14 -13.88 17.65
C PRO D 6 -11.58 -14.10 17.20
N ASP D 7 -11.75 -15.12 16.39
CA ASP D 7 -13.00 -15.40 15.71
C ASP D 7 -14.12 -15.46 16.75
N THR D 8 -13.78 -15.84 17.96
CA THR D 8 -14.79 -16.11 18.99
C THR D 8 -14.83 -15.07 20.10
N TRP D 9 -13.98 -14.05 20.00
CA TRP D 9 -13.93 -12.96 20.96
C TRP D 9 -15.30 -12.27 21.09
N ASN D 10 -15.66 -11.90 22.32
CA ASN D 10 -16.82 -11.07 22.56
C ASN D 10 -16.44 -9.60 22.50
N VAL D 11 -17.44 -8.76 22.58
CA VAL D 11 -17.26 -7.32 22.47
C VAL D 11 -16.27 -6.82 23.54
N TYR D 12 -16.43 -7.32 24.75
CA TYR D 12 -15.51 -7.00 25.83
C TYR D 12 -14.08 -7.42 25.53
N ASP D 13 -13.92 -8.56 24.90
CA ASP D 13 -12.62 -9.08 24.51
C ASP D 13 -11.97 -8.11 23.54
N VAL D 14 -12.79 -7.59 22.65
CA VAL D 14 -12.34 -6.62 21.68
C VAL D 14 -11.92 -5.31 22.35
N SER D 15 -12.71 -4.87 23.33
CA SER D 15 -12.41 -3.64 24.05
C SER D 15 -11.06 -3.74 24.75
N GLN D 16 -10.80 -4.87 25.40
CA GLN D 16 -9.51 -5.09 26.03
C GLN D 16 -8.36 -5.12 24.98
N PHE D 17 -8.62 -5.76 23.85
CA PHE D 17 -7.67 -5.80 22.73
C PHE D 17 -7.23 -4.38 22.39
N LEU D 18 -8.19 -3.52 22.07
CA LEU D 18 -7.88 -2.16 21.66
C LEU D 18 -7.11 -1.44 22.76
N ARG D 19 -7.52 -1.65 24.01
CA ARG D 19 -6.94 -0.94 25.13
C ARG D 19 -5.46 -1.26 25.36
N VAL D 20 -5.08 -2.53 25.26
CA VAL D 20 -3.68 -2.94 25.45
C VAL D 20 -2.83 -2.49 24.26
N ASN D 21 -3.49 -2.06 23.19
CA ASN D 21 -2.82 -1.70 21.95
C ASN D 21 -2.98 -0.22 21.67
N ASP D 22 -3.20 0.55 22.74
CA ASP D 22 -3.27 2.00 22.72
C ASP D 22 -4.26 2.54 21.69
N CYS D 23 -5.44 1.94 21.67
CA CYS D 23 -6.58 2.47 20.93
C CYS D 23 -7.74 2.62 21.90
N THR D 24 -7.40 2.94 23.15
CA THR D 24 -8.37 3.13 24.22
C THR D 24 -9.45 4.14 23.83
N ALA D 25 -9.06 5.13 23.03
CA ALA D 25 -9.97 6.21 22.64
C ALA D 25 -11.14 5.68 21.81
N HIS D 26 -10.98 4.48 21.26
CA HIS D 26 -11.96 3.92 20.33
C HIS D 26 -12.74 2.75 20.95
N CYS D 27 -12.33 2.32 22.13
CA CYS D 27 -13.04 1.29 22.88
C CYS D 27 -14.56 1.47 22.92
N ASP D 28 -14.99 2.64 23.35
CA ASP D 28 -16.39 2.87 23.59
C ASP D 28 -17.18 2.74 22.31
N THR D 29 -16.69 3.38 21.26
CA THR D 29 -17.33 3.35 19.95
C THR D 29 -17.45 1.92 19.43
N PHE D 30 -16.40 1.14 19.61
CA PHE D 30 -16.40 -0.24 19.16
C PHE D 30 -17.39 -1.10 19.97
N SER D 31 -17.51 -0.81 21.16
N SER D 31 -17.39 -0.81 21.17
CA SER D 31 -18.44 -1.52 22.02
CA SER D 31 -18.33 -1.39 22.13
C SER D 31 -19.88 -1.04 21.76
C SER D 31 -19.79 -1.02 21.87
N ARG D 32 -20.08 0.15 21.67
CA ARG D 32 -21.32 0.83 21.32
C ARG D 32 -21.94 0.17 20.09
N ASN D 33 -21.10 -0.10 19.11
CA ASN D 33 -21.51 -0.75 17.88
C ASN D 33 -21.43 -2.29 17.90
N LYS D 34 -21.17 -2.84 19.07
CA LYS D 34 -21.15 -4.29 19.26
C LYS D 34 -20.16 -5.00 18.32
N ILE D 35 -18.96 -4.45 18.18
CA ILE D 35 -17.97 -5.07 17.33
C ILE D 35 -17.28 -6.11 18.17
N ASP D 36 -17.65 -7.35 17.90
CA ASP D 36 -17.04 -8.51 18.50
C ASP D 36 -15.92 -8.98 17.56
N GLY D 37 -15.22 -10.00 17.99
CA GLY D 37 -14.15 -10.56 17.22
C GLY D 37 -14.50 -11.02 15.84
N LYS D 38 -15.68 -11.57 15.68
CA LYS D 38 -16.16 -12.01 14.40
C LYS D 38 -16.33 -10.79 13.49
N ARG D 39 -16.98 -9.75 13.97
CA ARG D 39 -17.15 -8.54 13.18
C ARG D 39 -15.80 -7.81 12.98
N LEU D 40 -14.94 -7.89 13.97
CA LEU D 40 -13.65 -7.23 13.90
C LEU D 40 -12.85 -7.72 12.71
N LEU D 41 -12.82 -9.01 12.51
CA LEU D 41 -12.07 -9.63 11.46
C LEU D 41 -12.63 -9.37 10.09
N GLN D 42 -13.88 -8.97 10.02
CA GLN D 42 -14.54 -8.68 8.77
C GLN D 42 -14.35 -7.27 8.28
N LEU D 43 -13.99 -6.39 9.17
CA LEU D 43 -13.86 -5.02 8.86
C LEU D 43 -12.81 -4.72 7.77
N THR D 44 -13.22 -3.80 6.93
CA THR D 44 -12.39 -3.18 5.94
C THR D 44 -12.23 -1.68 6.20
N LYS D 45 -11.32 -1.09 5.45
CA LYS D 45 -11.05 0.33 5.53
C LYS D 45 -12.36 1.11 5.37
N ASP D 46 -13.21 0.66 4.45
CA ASP D 46 -14.47 1.33 4.19
C ASP D 46 -15.38 1.32 5.44
N ASP D 47 -15.43 0.21 6.16
CA ASP D 47 -16.18 0.16 7.40
C ASP D 47 -15.51 1.02 8.50
N ILE D 48 -14.18 0.96 8.57
CA ILE D 48 -13.41 1.52 9.67
C ILE D 48 -13.42 3.05 9.67
N MET D 49 -13.57 3.65 8.52
CA MET D 49 -13.51 5.08 8.45
C MET D 49 -14.61 5.80 9.18
N PRO D 50 -15.86 5.46 8.93
CA PRO D 50 -16.93 6.08 9.72
C PRO D 50 -16.90 5.67 11.19
N LEU D 51 -16.39 4.48 11.48
CA LEU D 51 -16.23 4.04 12.87
C LEU D 51 -15.31 4.98 13.64
N LEU D 52 -14.48 5.71 12.91
CA LEU D 52 -13.49 6.60 13.52
C LEU D 52 -13.68 8.06 13.13
N GLY D 53 -14.91 8.41 12.77
CA GLY D 53 -15.25 9.79 12.47
C GLY D 53 -14.60 10.31 11.20
N MET D 54 -14.37 9.40 10.26
CA MET D 54 -13.84 9.75 8.94
C MET D 54 -12.44 10.37 9.01
N LYS D 55 -11.64 9.89 9.96
CA LYS D 55 -10.25 10.34 10.10
C LYS D 55 -9.30 9.23 9.64
N VAL D 56 -8.47 9.56 8.65
CA VAL D 56 -7.62 8.56 7.99
C VAL D 56 -6.54 8.01 8.90
N GLY D 57 -5.91 8.89 9.69
CA GLY D 57 -4.84 8.48 10.58
C GLY D 57 -5.25 7.35 11.51
N PRO D 58 -6.28 7.57 12.32
CA PRO D 58 -6.83 6.52 13.20
C PRO D 58 -7.27 5.28 12.42
N ALA D 59 -8.00 5.48 11.33
CA ALA D 59 -8.50 4.37 10.51
C ALA D 59 -7.36 3.46 10.05
N LEU D 60 -6.28 4.07 9.58
CA LEU D 60 -5.13 3.33 9.12
C LEU D 60 -4.47 2.54 10.25
N LYS D 61 -4.38 3.18 11.40
CA LYS D 61 -3.76 2.57 12.56
C LYS D 61 -4.58 1.34 12.99
N ILE D 62 -5.89 1.50 13.03
CA ILE D 62 -6.80 0.42 13.38
C ILE D 62 -6.75 -0.69 12.33
N SER D 63 -6.80 -0.31 11.06
CA SER D 63 -6.73 -1.26 9.96
C SER D 63 -5.45 -2.06 10.07
N ASP D 64 -4.36 -1.38 10.40
CA ASP D 64 -3.05 -2.00 10.55
C ASP D 64 -3.03 -2.98 11.72
N LEU D 65 -3.60 -2.57 12.84
CA LEU D 65 -3.64 -3.38 14.03
C LEU D 65 -4.37 -4.71 13.77
N ILE D 66 -5.49 -4.61 13.08
CA ILE D 66 -6.30 -5.78 12.77
C ILE D 66 -5.51 -6.72 11.86
N ALA D 67 -4.86 -6.21 10.85
CA ALA D 67 -3.99 -7.00 10.02
C ALA D 67 -2.88 -7.64 10.82
N GLN D 68 -2.33 -6.94 11.74
CA GLN D 68 -1.32 -7.47 12.64
C GLN D 68 -1.91 -8.69 13.37
N LEU D 69 -3.13 -8.53 13.83
CA LEU D 69 -3.82 -9.57 14.58
C LEU D 69 -3.90 -10.86 13.75
N LYS D 70 -4.45 -10.74 12.56
CA LYS D 70 -4.55 -11.81 11.59
C LYS D 70 -3.21 -12.60 11.24
N CYS D 71 -2.04 -12.11 11.59
CA CYS D 71 -0.80 -12.82 11.35
C CYS D 71 -0.44 -13.73 12.47
N LYS D 72 -1.03 -13.54 13.60
CA LYS D 72 -0.91 -14.46 14.73
C LYS D 72 -2.00 -15.53 14.72
N VAL D 73 -2.74 -15.60 13.63
CA VAL D 73 -3.79 -16.56 13.52
C VAL D 73 -3.43 -17.67 12.56
N ASN D 74 -3.70 -18.88 13.06
CA ASN D 74 -3.45 -20.14 12.39
C ASN D 74 -4.67 -20.74 11.67
#